data_1J2C
#
_entry.id   1J2C
#
_cell.length_a   65.400
_cell.length_b   65.400
_cell.length_c   121.300
_cell.angle_alpha   90.00
_cell.angle_beta   90.00
_cell.angle_gamma   120.00
#
_symmetry.space_group_name_H-M   'P 32 2 1'
#
loop_
_entity.id
_entity.type
_entity.pdbx_description
1 polymer 'Heme Oxygenase-1'
2 non-polymer 'FE (III) ION'
3 non-polymer 'BILIVERDINE IX ALPHA'
4 water water
#
_entity_poly.entity_id   1
_entity_poly.type   'polypeptide(L)'
_entity_poly.pdbx_seq_one_letter_code
;MERPQLDSMSQDLSEALKEATKEVHIRAENSEFMRNFQKGQVSREGFKLVMASLYHIYTALEEEIERNKQNPVYAPLYFP
EELHRRAALEQDMAFWYGPHWQEAIPYTPATQHYVKRLHEVGGTHPELLVAHAYTRYLGDLSGGQVLKKIAQKAMALPSS
GEGLAFFTFPSIDNPTKFKQLYRARMNTLEMTPEVKHRVTEEAKTAFLLNIELFEELQALLTEEHKDQSPSQTEFLRQRP
ASLVQDTTSAETPRGKSQISTSSSQTP
;
_entity_poly.pdbx_strand_id   A
#
loop_
_chem_comp.id
_chem_comp.type
_chem_comp.name
_chem_comp.formula
BLA non-polymer 'BILIVERDINE IX ALPHA' 'C33 H34 N4 O6'
FE non-polymer 'FE (III) ION' 'Fe 3'
#
# COMPACT_ATOMS: atom_id res chain seq x y z
N ASP A 7 -28.58 4.43 -1.46
CA ASP A 7 -27.16 4.53 -1.03
C ASP A 7 -26.54 5.87 -1.38
N SER A 8 -25.27 6.08 -0.99
CA SER A 8 -24.60 7.35 -1.27
C SER A 8 -23.85 7.38 -2.60
N MET A 9 -24.61 7.49 -3.69
CA MET A 9 -24.06 7.54 -5.04
C MET A 9 -24.12 8.99 -5.52
N SER A 10 -24.55 9.87 -4.61
CA SER A 10 -24.65 11.29 -4.92
C SER A 10 -23.29 11.96 -4.80
N GLN A 11 -22.26 11.18 -4.49
CA GLN A 11 -20.91 11.71 -4.35
C GLN A 11 -19.91 11.06 -5.30
N ASP A 12 -18.75 11.71 -5.49
CA ASP A 12 -17.70 11.18 -6.36
C ASP A 12 -17.02 10.01 -5.65
N LEU A 13 -16.48 9.08 -6.44
CA LEU A 13 -15.81 7.92 -5.89
C LEU A 13 -14.74 8.29 -4.86
N SER A 14 -13.92 9.29 -5.19
CA SER A 14 -12.87 9.72 -4.26
C SER A 14 -13.45 10.22 -2.95
N GLU A 15 -14.59 10.90 -3.01
CA GLU A 15 -15.24 11.41 -1.80
C GLU A 15 -15.80 10.22 -1.00
N ALA A 16 -16.51 9.34 -1.70
CA ALA A 16 -17.11 8.15 -1.08
C ALA A 16 -16.05 7.30 -0.39
N LEU A 17 -14.93 7.09 -1.07
CA LEU A 17 -13.83 6.31 -0.52
C LEU A 17 -13.24 6.94 0.73
N LYS A 18 -13.04 8.26 0.70
CA LYS A 18 -12.48 8.95 1.85
C LYS A 18 -13.42 8.87 3.06
N GLU A 19 -14.71 9.11 2.85
CA GLU A 19 -15.66 9.04 3.94
C GLU A 19 -15.85 7.61 4.42
N ALA A 20 -15.72 6.66 3.51
CA ALA A 20 -15.90 5.26 3.86
C ALA A 20 -14.77 4.66 4.67
N THR A 21 -13.54 5.11 4.42
CA THR A 21 -12.39 4.56 5.11
C THR A 21 -11.82 5.40 6.25
N LYS A 22 -12.40 6.57 6.50
CA LYS A 22 -11.86 7.44 7.54
C LYS A 22 -11.85 6.85 8.94
N GLU A 23 -12.81 5.99 9.25
CA GLU A 23 -12.89 5.39 10.56
C GLU A 23 -11.87 4.27 10.76
N VAL A 24 -11.86 3.31 9.84
CA VAL A 24 -10.91 2.21 9.95
C VAL A 24 -9.50 2.80 9.78
N HIS A 25 -9.37 3.90 9.05
CA HIS A 25 -8.06 4.53 8.87
C HIS A 25 -7.49 4.94 10.23
N ILE A 26 -8.35 5.53 11.06
CA ILE A 26 -7.93 5.96 12.39
C ILE A 26 -7.49 4.71 13.18
N ARG A 27 -8.22 3.61 12.99
CA ARG A 27 -7.88 2.38 13.68
C ARG A 27 -6.55 1.84 13.16
N ALA A 28 -6.35 1.92 11.84
CA ALA A 28 -5.12 1.43 11.22
C ALA A 28 -3.93 2.30 11.61
N GLU A 29 -4.15 3.61 11.64
CA GLU A 29 -3.10 4.55 11.99
C GLU A 29 -2.65 4.39 13.44
N ASN A 30 -3.55 3.98 14.33
CA ASN A 30 -3.23 3.81 15.74
C ASN A 30 -2.99 2.37 16.16
N SER A 31 -2.73 1.51 15.19
CA SER A 31 -2.46 0.11 15.47
C SER A 31 -1.15 0.10 16.26
N GLU A 32 -0.96 -0.95 17.07
CA GLU A 32 0.23 -1.05 17.90
C GLU A 32 1.56 -0.93 17.14
N PHE A 33 1.71 -1.66 16.05
CA PHE A 33 2.95 -1.62 15.29
C PHE A 33 3.24 -0.24 14.71
N MET A 34 2.23 0.36 14.11
CA MET A 34 2.35 1.70 13.52
C MET A 34 2.62 2.71 14.61
N ARG A 35 1.86 2.59 15.69
CA ARG A 35 2.00 3.50 16.82
C ARG A 35 3.46 3.54 17.24
N ASN A 36 4.06 2.37 17.46
CA ASN A 36 5.46 2.30 17.85
C ASN A 36 6.33 2.98 16.81
N PHE A 37 6.19 2.59 15.56
CA PHE A 37 6.96 3.18 14.47
C PHE A 37 6.86 4.71 14.55
N GLN A 38 5.63 5.21 14.67
CA GLN A 38 5.36 6.64 14.75
C GLN A 38 6.19 7.31 15.85
N LYS A 39 6.31 6.65 17.00
CA LYS A 39 7.06 7.23 18.11
C LYS A 39 8.55 6.92 18.07
N GLY A 40 9.06 6.56 16.90
CA GLY A 40 10.48 6.28 16.77
C GLY A 40 10.91 4.90 17.23
N GLN A 41 10.02 4.19 17.90
CA GLN A 41 10.33 2.85 18.38
C GLN A 41 10.17 1.82 17.26
N VAL A 42 11.24 1.62 16.49
CA VAL A 42 11.23 0.65 15.39
C VAL A 42 12.62 0.02 15.23
N SER A 43 12.68 -1.31 15.33
CA SER A 43 13.94 -2.03 15.21
C SER A 43 14.21 -2.59 13.80
N ARG A 44 15.45 -3.01 13.56
CA ARG A 44 15.83 -3.58 12.28
C ARG A 44 15.05 -4.86 12.00
N GLU A 45 14.83 -5.65 13.04
CA GLU A 45 14.11 -6.90 12.92
C GLU A 45 12.67 -6.67 12.45
N GLY A 46 12.01 -5.72 13.09
CA GLY A 46 10.64 -5.42 12.74
C GLY A 46 10.54 -4.73 11.39
N PHE A 47 11.43 -3.77 11.16
CA PHE A 47 11.41 -3.05 9.89
C PHE A 47 11.57 -4.02 8.73
N LYS A 48 12.48 -4.98 8.89
CA LYS A 48 12.71 -5.98 7.84
C LYS A 48 11.49 -6.90 7.68
N LEU A 49 10.74 -7.10 8.76
CA LEU A 49 9.55 -7.94 8.69
C LEU A 49 8.46 -7.29 7.85
N VAL A 50 8.20 -6.02 8.13
CA VAL A 50 7.17 -5.31 7.40
C VAL A 50 7.55 -5.02 5.94
N MET A 51 8.81 -4.68 5.68
CA MET A 51 9.24 -4.41 4.31
C MET A 51 9.21 -5.68 3.45
N ALA A 52 9.58 -6.81 4.03
CA ALA A 52 9.54 -8.08 3.31
C ALA A 52 8.08 -8.38 3.01
N SER A 53 7.20 -8.12 3.98
CA SER A 53 5.77 -8.35 3.80
C SER A 53 5.21 -7.47 2.68
N LEU A 54 5.61 -6.19 2.69
CA LEU A 54 5.16 -5.25 1.66
C LEU A 54 5.67 -5.68 0.30
N TYR A 55 6.85 -6.31 0.28
CA TYR A 55 7.40 -6.77 -0.98
C TYR A 55 6.43 -7.76 -1.62
N HIS A 56 5.97 -8.75 -0.87
CA HIS A 56 5.03 -9.74 -1.40
C HIS A 56 3.71 -9.11 -1.81
N ILE A 57 3.23 -8.18 -0.98
CA ILE A 57 1.95 -7.51 -1.22
C ILE A 57 1.96 -6.66 -2.48
N TYR A 58 2.91 -5.75 -2.58
CA TYR A 58 3.01 -4.92 -3.77
C TYR A 58 3.30 -5.74 -5.02
N THR A 59 4.03 -6.85 -4.85
CA THR A 59 4.31 -7.72 -5.98
C THR A 59 3.01 -8.28 -6.52
N ALA A 60 2.13 -8.71 -5.63
CA ALA A 60 0.84 -9.27 -6.04
C ALA A 60 -0.05 -8.17 -6.64
N LEU A 61 -0.15 -7.04 -5.94
CA LEU A 61 -0.96 -5.93 -6.41
C LEU A 61 -0.54 -5.48 -7.81
N GLU A 62 0.74 -5.21 -7.97
CA GLU A 62 1.27 -4.74 -9.24
C GLU A 62 1.19 -5.76 -10.38
N GLU A 63 1.14 -7.04 -10.02
CA GLU A 63 1.02 -8.10 -10.99
C GLU A 63 -0.44 -8.12 -11.50
N GLU A 64 -1.38 -7.82 -10.60
CA GLU A 64 -2.79 -7.77 -10.98
C GLU A 64 -3.06 -6.50 -11.76
N ILE A 65 -2.29 -5.46 -11.46
CA ILE A 65 -2.45 -4.19 -12.17
C ILE A 65 -2.02 -4.38 -13.63
N GLU A 66 -0.94 -5.14 -13.85
CA GLU A 66 -0.46 -5.40 -15.20
C GLU A 66 -1.48 -6.21 -15.98
N ARG A 67 -2.06 -7.20 -15.31
CA ARG A 67 -3.05 -8.08 -15.92
C ARG A 67 -4.27 -7.29 -16.39
N ASN A 68 -4.67 -6.29 -15.61
CA ASN A 68 -5.84 -5.50 -15.95
C ASN A 68 -5.52 -4.08 -16.41
N LYS A 69 -4.30 -3.81 -16.84
CA LYS A 69 -3.94 -2.46 -17.26
C LYS A 69 -4.78 -1.91 -18.41
N GLN A 70 -5.26 -2.80 -19.29
CA GLN A 70 -6.09 -2.37 -20.42
C GLN A 70 -7.58 -2.34 -20.09
N ASN A 71 -7.95 -2.82 -18.90
CA ASN A 71 -9.35 -2.82 -18.50
C ASN A 71 -9.78 -1.44 -18.05
N PRO A 72 -10.81 -0.88 -18.70
CA PRO A 72 -11.33 0.45 -18.36
C PRO A 72 -11.71 0.61 -16.88
N VAL A 73 -11.95 -0.49 -16.17
CA VAL A 73 -12.32 -0.39 -14.76
C VAL A 73 -11.11 0.01 -13.92
N TYR A 74 -9.94 0.03 -14.53
CA TYR A 74 -8.71 0.40 -13.84
C TYR A 74 -7.76 1.30 -14.65
N ALA A 75 -7.69 1.04 -15.95
CA ALA A 75 -6.80 1.75 -16.87
C ALA A 75 -6.48 3.22 -16.64
N PRO A 76 -7.46 4.05 -16.26
CA PRO A 76 -7.16 5.47 -16.04
C PRO A 76 -6.19 5.72 -14.86
N LEU A 77 -5.98 4.69 -14.05
CA LEU A 77 -5.11 4.81 -12.89
C LEU A 77 -3.79 4.06 -13.03
N TYR A 78 -3.50 3.59 -14.24
CA TYR A 78 -2.28 2.84 -14.50
C TYR A 78 -1.06 3.77 -14.55
N PHE A 79 -0.36 3.91 -13.42
CA PHE A 79 0.82 4.77 -13.32
C PHE A 79 2.03 3.96 -12.87
N PRO A 80 2.43 2.92 -13.62
CA PRO A 80 3.59 2.16 -13.16
C PRO A 80 4.84 2.98 -12.90
N GLU A 81 5.16 3.89 -13.81
CA GLU A 81 6.37 4.70 -13.67
C GLU A 81 6.40 5.57 -12.41
N GLU A 82 5.28 6.16 -12.05
CA GLU A 82 5.22 7.02 -10.86
C GLU A 82 4.96 6.30 -9.55
N LEU A 83 4.13 5.27 -9.57
CA LEU A 83 3.76 4.59 -8.33
C LEU A 83 4.33 3.24 -7.96
N HIS A 84 4.36 2.29 -8.89
CA HIS A 84 4.83 0.97 -8.56
C HIS A 84 6.07 0.90 -7.67
N ARG A 85 6.01 0.05 -6.66
CA ARG A 85 7.07 -0.09 -5.67
C ARG A 85 7.85 -1.38 -5.75
N ARG A 86 7.40 -2.32 -6.59
CA ARG A 86 8.09 -3.59 -6.70
C ARG A 86 9.61 -3.45 -6.90
N ALA A 87 10.02 -2.74 -7.96
CA ALA A 87 11.45 -2.56 -8.22
C ALA A 87 12.14 -1.94 -7.01
N ALA A 88 11.49 -0.94 -6.41
CA ALA A 88 12.04 -0.26 -5.24
C ALA A 88 12.22 -1.24 -4.07
N LEU A 89 11.22 -2.07 -3.84
CA LEU A 89 11.27 -3.04 -2.76
C LEU A 89 12.32 -4.12 -2.99
N GLU A 90 12.63 -4.39 -4.25
CA GLU A 90 13.64 -5.39 -4.58
C GLU A 90 15.01 -4.85 -4.19
N GLN A 91 15.20 -3.54 -4.36
CA GLN A 91 16.47 -2.92 -3.98
C GLN A 91 16.56 -3.03 -2.46
N ASP A 92 15.47 -2.67 -1.79
CA ASP A 92 15.41 -2.70 -0.34
C ASP A 92 15.66 -4.09 0.24
N MET A 93 15.11 -5.12 -0.40
CA MET A 93 15.32 -6.49 0.08
C MET A 93 16.80 -6.88 -0.02
N ALA A 94 17.44 -6.47 -1.11
CA ALA A 94 18.85 -6.77 -1.33
C ALA A 94 19.68 -6.08 -0.25
N PHE A 95 19.31 -4.86 0.07
CA PHE A 95 20.01 -4.08 1.09
C PHE A 95 19.87 -4.72 2.47
N TRP A 96 18.64 -5.07 2.86
CA TRP A 96 18.41 -5.65 4.18
C TRP A 96 18.74 -7.13 4.33
N TYR A 97 18.42 -7.93 3.32
CA TYR A 97 18.65 -9.37 3.40
C TYR A 97 19.86 -9.86 2.60
N GLY A 98 20.44 -8.99 1.78
CA GLY A 98 21.61 -9.38 1.01
C GLY A 98 21.33 -9.98 -0.37
N PRO A 99 22.36 -10.58 -1.00
CA PRO A 99 22.34 -11.22 -2.33
C PRO A 99 21.27 -12.28 -2.53
N HIS A 100 21.02 -13.09 -1.52
CA HIS A 100 20.02 -14.14 -1.65
C HIS A 100 18.77 -13.89 -0.82
N TRP A 101 18.18 -12.72 -1.02
CA TRP A 101 16.98 -12.33 -0.29
C TRP A 101 15.73 -13.09 -0.71
N GLN A 102 15.73 -13.63 -1.93
CA GLN A 102 14.57 -14.37 -2.42
C GLN A 102 14.29 -15.61 -1.57
N GLU A 103 15.32 -16.17 -0.95
CA GLU A 103 15.11 -17.35 -0.12
C GLU A 103 15.16 -17.03 1.36
N ALA A 104 15.61 -15.83 1.70
CA ALA A 104 15.70 -15.43 3.10
C ALA A 104 14.49 -14.68 3.63
N ILE A 105 13.87 -13.85 2.80
CA ILE A 105 12.72 -13.07 3.25
C ILE A 105 11.53 -13.92 3.69
N PRO A 106 10.89 -13.53 4.80
CA PRO A 106 9.73 -14.24 5.32
C PRO A 106 8.47 -14.00 4.49
N TYR A 107 7.49 -14.87 4.68
CA TYR A 107 6.21 -14.76 3.98
C TYR A 107 5.17 -15.22 4.98
N THR A 108 4.83 -14.34 5.92
CA THR A 108 3.88 -14.63 6.97
C THR A 108 2.46 -14.92 6.48
N PRO A 109 1.64 -15.57 7.32
CA PRO A 109 0.26 -15.92 7.01
C PRO A 109 -0.62 -14.72 6.68
N ALA A 110 -0.53 -13.68 7.50
CA ALA A 110 -1.31 -12.48 7.26
C ALA A 110 -0.92 -11.88 5.90
N THR A 111 0.37 -11.98 5.56
CA THR A 111 0.84 -11.48 4.28
C THR A 111 0.23 -12.33 3.15
N GLN A 112 0.25 -13.65 3.33
CA GLN A 112 -0.29 -14.57 2.34
C GLN A 112 -1.80 -14.30 2.17
N HIS A 113 -2.47 -14.03 3.28
CA HIS A 113 -3.91 -13.75 3.24
C HIS A 113 -4.16 -12.53 2.37
N TYR A 114 -3.41 -11.47 2.62
CA TYR A 114 -3.52 -10.21 1.87
C TYR A 114 -3.26 -10.51 0.39
N VAL A 115 -2.16 -11.20 0.12
CA VAL A 115 -1.79 -11.55 -1.26
C VAL A 115 -2.88 -12.36 -1.94
N LYS A 116 -3.56 -13.22 -1.18
CA LYS A 116 -4.62 -14.06 -1.76
C LYS A 116 -5.82 -13.23 -2.19
N ARG A 117 -6.22 -12.25 -1.38
CA ARG A 117 -7.36 -11.43 -1.75
C ARG A 117 -7.01 -10.59 -2.97
N LEU A 118 -5.76 -10.16 -3.05
CA LEU A 118 -5.27 -9.36 -4.17
C LEU A 118 -5.47 -10.11 -5.48
N HIS A 119 -5.11 -11.39 -5.49
CA HIS A 119 -5.27 -12.17 -6.70
C HIS A 119 -6.74 -12.43 -7.04
N GLU A 120 -7.57 -12.67 -6.02
CA GLU A 120 -8.99 -12.90 -6.24
C GLU A 120 -9.60 -11.69 -6.94
N VAL A 121 -9.30 -10.50 -6.43
CA VAL A 121 -9.80 -9.27 -7.00
C VAL A 121 -9.26 -9.10 -8.43
N GLY A 122 -7.94 -9.14 -8.57
CA GLY A 122 -7.33 -9.00 -9.88
C GLY A 122 -7.81 -10.02 -10.89
N GLY A 123 -8.05 -11.26 -10.44
CA GLY A 123 -8.49 -12.29 -11.36
C GLY A 123 -9.98 -12.44 -11.54
N THR A 124 -10.75 -12.17 -10.49
CA THR A 124 -12.21 -12.32 -10.54
C THR A 124 -13.03 -11.04 -10.42
N HIS A 125 -12.60 -10.11 -9.58
CA HIS A 125 -13.33 -8.85 -9.36
C HIS A 125 -12.45 -7.63 -9.67
N PRO A 126 -11.84 -7.59 -10.87
CA PRO A 126 -10.99 -6.46 -11.25
C PRO A 126 -11.59 -5.07 -11.09
N GLU A 127 -12.92 -4.96 -11.05
CA GLU A 127 -13.52 -3.64 -10.89
C GLU A 127 -13.29 -3.12 -9.47
N LEU A 128 -12.81 -3.99 -8.60
CA LEU A 128 -12.54 -3.62 -7.22
C LEU A 128 -11.05 -3.28 -7.02
N LEU A 129 -10.24 -3.60 -8.02
CA LEU A 129 -8.81 -3.36 -7.93
C LEU A 129 -8.44 -1.94 -7.53
N VAL A 130 -9.24 -0.98 -7.98
CA VAL A 130 -8.97 0.42 -7.65
C VAL A 130 -8.97 0.64 -6.14
N ALA A 131 -9.79 -0.13 -5.43
CA ALA A 131 -9.85 -0.03 -3.97
C ALA A 131 -8.49 -0.35 -3.33
N HIS A 132 -7.79 -1.34 -3.89
CA HIS A 132 -6.49 -1.73 -3.36
C HIS A 132 -5.32 -0.82 -3.73
N ALA A 133 -5.34 -0.27 -4.93
CA ALA A 133 -4.26 0.64 -5.33
C ALA A 133 -4.45 1.93 -4.51
N TYR A 134 -5.70 2.35 -4.41
CA TYR A 134 -6.03 3.55 -3.64
C TYR A 134 -5.49 3.45 -2.22
N THR A 135 -5.85 2.37 -1.55
CA THR A 135 -5.46 2.13 -0.17
C THR A 135 -3.95 2.18 0.07
N ARG A 136 -3.17 1.43 -0.71
CA ARG A 136 -1.72 1.42 -0.53
C ARG A 136 -1.00 2.67 -1.08
N TYR A 137 -1.18 2.95 -2.36
CA TYR A 137 -0.50 4.09 -2.97
C TYR A 137 -0.75 5.44 -2.32
N LEU A 138 -2.01 5.80 -2.11
CA LEU A 138 -2.27 7.11 -1.50
C LEU A 138 -1.70 7.17 -0.09
N GLY A 139 -1.76 6.06 0.64
CA GLY A 139 -1.20 6.03 1.97
C GLY A 139 0.30 6.27 1.90
N ASP A 140 0.96 5.64 0.93
CA ASP A 140 2.40 5.81 0.78
C ASP A 140 2.70 7.27 0.49
N LEU A 141 1.90 7.89 -0.36
CA LEU A 141 2.12 9.29 -0.71
C LEU A 141 1.77 10.25 0.41
N SER A 142 1.08 9.76 1.42
CA SER A 142 0.68 10.61 2.53
C SER A 142 1.61 10.49 3.75
N GLY A 143 1.80 9.27 4.23
CA GLY A 143 2.67 9.08 5.37
C GLY A 143 4.04 8.60 4.96
N GLY A 144 4.26 8.55 3.65
CA GLY A 144 5.53 8.10 3.12
C GLY A 144 6.74 8.84 3.64
N GLN A 145 6.78 10.15 3.43
CA GLN A 145 7.92 10.93 3.89
C GLN A 145 8.04 10.97 5.41
N VAL A 146 6.93 10.72 6.11
CA VAL A 146 6.93 10.73 7.56
C VAL A 146 7.63 9.48 8.11
N LEU A 147 7.15 8.30 7.70
CA LEU A 147 7.76 7.07 8.17
C LEU A 147 9.23 7.03 7.76
N LYS A 148 9.52 7.56 6.58
CA LYS A 148 10.89 7.59 6.09
C LYS A 148 11.83 8.37 7.00
N LYS A 149 11.44 9.58 7.39
CA LYS A 149 12.28 10.40 8.26
C LYS A 149 12.47 9.71 9.61
N ILE A 150 11.44 9.01 10.07
CA ILE A 150 11.52 8.31 11.35
C ILE A 150 12.47 7.13 11.24
N ALA A 151 12.32 6.33 10.19
CA ALA A 151 13.17 5.17 9.98
C ALA A 151 14.64 5.59 9.92
N GLN A 152 14.91 6.73 9.27
CA GLN A 152 16.27 7.22 9.16
C GLN A 152 16.84 7.62 10.51
N LYS A 153 16.08 8.39 11.27
CA LYS A 153 16.54 8.83 12.58
C LYS A 153 16.74 7.64 13.51
N ALA A 154 15.78 6.72 13.49
CA ALA A 154 15.83 5.57 14.36
C ALA A 154 16.97 4.58 14.08
N MET A 155 17.07 4.12 12.84
CA MET A 155 18.10 3.13 12.48
C MET A 155 19.34 3.67 11.80
N ALA A 156 19.47 4.99 11.71
CA ALA A 156 20.65 5.58 11.08
C ALA A 156 20.77 5.27 9.58
N LEU A 157 19.70 5.48 8.82
CA LEU A 157 19.76 5.27 7.37
C LEU A 157 20.18 6.59 6.73
N PRO A 158 21.18 6.56 5.85
CA PRO A 158 21.65 7.78 5.19
C PRO A 158 20.58 8.43 4.33
N SER A 159 20.68 9.75 4.18
CA SER A 159 19.74 10.52 3.38
C SER A 159 19.76 10.07 1.92
N SER A 160 20.86 9.41 1.52
CA SER A 160 20.99 8.92 0.15
C SER A 160 19.89 7.94 -0.23
N GLY A 161 19.20 7.40 0.78
CA GLY A 161 18.09 6.50 0.51
C GLY A 161 18.27 5.00 0.44
N GLU A 162 19.47 4.49 0.54
CA GLU A 162 19.63 3.04 0.47
C GLU A 162 18.82 2.40 1.60
N GLY A 163 18.05 1.38 1.26
CA GLY A 163 17.25 0.68 2.26
C GLY A 163 15.86 1.28 2.48
N LEU A 164 15.58 2.40 1.84
CA LEU A 164 14.29 3.07 1.95
C LEU A 164 13.76 3.50 0.59
N ALA A 165 14.18 2.80 -0.46
CA ALA A 165 13.73 3.13 -1.81
C ALA A 165 12.19 3.11 -1.87
N PHE A 166 11.59 2.17 -1.17
CA PHE A 166 10.14 2.03 -1.12
C PHE A 166 9.45 3.35 -0.81
N PHE A 167 10.01 4.09 0.14
CA PHE A 167 9.45 5.37 0.58
C PHE A 167 9.82 6.56 -0.31
N THR A 168 10.58 6.29 -1.36
CA THR A 168 10.99 7.36 -2.26
C THR A 168 10.32 7.26 -3.63
N PHE A 169 9.71 8.36 -4.06
CA PHE A 169 9.05 8.43 -5.36
C PHE A 169 9.79 9.40 -6.26
N PRO A 170 10.84 8.91 -6.95
CA PRO A 170 11.65 9.75 -7.85
C PRO A 170 10.94 10.31 -9.08
N SER A 171 9.81 9.74 -9.46
CA SER A 171 9.10 10.23 -10.63
C SER A 171 7.91 11.12 -10.28
N ILE A 172 7.75 11.43 -9.00
CA ILE A 172 6.67 12.30 -8.53
C ILE A 172 7.29 13.51 -7.83
N ASP A 173 7.12 14.69 -8.43
CA ASP A 173 7.68 15.91 -7.85
C ASP A 173 6.91 16.36 -6.60
N ASN A 174 5.59 16.46 -6.72
CA ASN A 174 4.78 16.86 -5.60
C ASN A 174 3.68 15.83 -5.34
N PRO A 175 3.89 14.95 -4.36
CA PRO A 175 2.93 13.90 -4.00
C PRO A 175 1.55 14.45 -3.69
N THR A 176 1.52 15.66 -3.14
CA THR A 176 0.27 16.32 -2.80
C THR A 176 -0.53 16.63 -4.08
N LYS A 177 0.16 17.13 -5.09
CA LYS A 177 -0.47 17.46 -6.37
C LYS A 177 -0.86 16.18 -7.11
N PHE A 178 0.02 15.18 -7.05
CA PHE A 178 -0.26 13.92 -7.72
C PHE A 178 -1.48 13.24 -7.10
N LYS A 179 -1.57 13.30 -5.79
CA LYS A 179 -2.69 12.73 -5.06
C LYS A 179 -3.98 13.37 -5.59
N GLN A 180 -3.93 14.68 -5.80
CA GLN A 180 -5.09 15.40 -6.31
C GLN A 180 -5.44 14.90 -7.72
N LEU A 181 -4.42 14.65 -8.51
CA LEU A 181 -4.61 14.15 -9.87
C LEU A 181 -5.19 12.75 -9.82
N TYR A 182 -4.64 11.92 -8.93
CA TYR A 182 -5.10 10.55 -8.80
C TYR A 182 -6.57 10.52 -8.36
N ARG A 183 -6.95 11.37 -7.42
CA ARG A 183 -8.33 11.39 -6.95
C ARG A 183 -9.26 11.79 -8.08
N ALA A 184 -8.87 12.81 -8.83
CA ALA A 184 -9.69 13.28 -9.94
C ALA A 184 -9.79 12.20 -11.01
N ARG A 185 -8.69 11.51 -11.27
CA ARG A 185 -8.69 10.46 -12.28
C ARG A 185 -9.58 9.30 -11.81
N MET A 186 -9.67 9.08 -10.50
CA MET A 186 -10.52 8.02 -9.97
C MET A 186 -11.97 8.32 -10.31
N ASN A 187 -12.30 9.60 -10.39
CA ASN A 187 -13.67 10.00 -10.66
C ASN A 187 -14.04 9.93 -12.14
N THR A 188 -13.16 9.40 -12.97
CA THR A 188 -13.44 9.31 -14.40
C THR A 188 -13.68 7.86 -14.79
N LEU A 189 -13.55 6.96 -13.82
CA LEU A 189 -13.77 5.54 -14.09
C LEU A 189 -15.26 5.29 -14.35
N GLU A 190 -15.57 4.17 -15.01
CA GLU A 190 -16.96 3.79 -15.26
C GLU A 190 -17.46 3.49 -13.86
N MET A 191 -18.47 4.21 -13.38
CA MET A 191 -18.94 3.98 -12.03
C MET A 191 -20.45 3.86 -11.88
N THR A 192 -20.91 2.64 -11.67
CA THR A 192 -22.33 2.39 -11.46
C THR A 192 -22.53 2.44 -9.95
N PRO A 193 -23.77 2.67 -9.50
CA PRO A 193 -24.01 2.70 -8.06
C PRO A 193 -23.52 1.39 -7.42
N GLU A 194 -23.66 0.30 -8.16
CA GLU A 194 -23.25 -1.02 -7.71
C GLU A 194 -21.73 -1.14 -7.48
N VAL A 195 -20.95 -0.66 -8.45
CA VAL A 195 -19.50 -0.74 -8.34
C VAL A 195 -18.94 0.18 -7.26
N LYS A 196 -19.43 1.41 -7.22
CA LYS A 196 -18.96 2.38 -6.22
C LYS A 196 -19.23 1.88 -4.81
N HIS A 197 -20.39 1.25 -4.64
CA HIS A 197 -20.80 0.70 -3.37
C HIS A 197 -19.77 -0.37 -2.95
N ARG A 198 -19.52 -1.30 -3.85
CA ARG A 198 -18.58 -2.40 -3.61
C ARG A 198 -17.13 -1.93 -3.49
N VAL A 199 -16.73 -0.93 -4.28
CA VAL A 199 -15.35 -0.45 -4.20
C VAL A 199 -15.02 0.10 -2.81
N THR A 200 -15.96 0.84 -2.21
CA THR A 200 -15.72 1.42 -0.89
C THR A 200 -15.64 0.34 0.19
N GLU A 201 -16.40 -0.72 0.01
CA GLU A 201 -16.40 -1.83 0.96
C GLU A 201 -15.05 -2.55 0.84
N GLU A 202 -14.58 -2.73 -0.39
CA GLU A 202 -13.30 -3.41 -0.59
C GLU A 202 -12.16 -2.57 -0.02
N ALA A 203 -12.35 -1.25 0.00
CA ALA A 203 -11.31 -0.39 0.55
C ALA A 203 -11.19 -0.67 2.05
N LYS A 204 -12.31 -0.86 2.72
CA LYS A 204 -12.32 -1.17 4.16
C LYS A 204 -11.60 -2.47 4.39
N THR A 205 -11.89 -3.46 3.55
CA THR A 205 -11.25 -4.75 3.63
C THR A 205 -9.73 -4.59 3.48
N ALA A 206 -9.29 -3.72 2.57
CA ALA A 206 -7.87 -3.50 2.38
C ALA A 206 -7.26 -2.97 3.67
N PHE A 207 -7.92 -1.99 4.28
CA PHE A 207 -7.42 -1.42 5.52
C PHE A 207 -7.34 -2.49 6.60
N LEU A 208 -8.36 -3.34 6.65
CA LEU A 208 -8.39 -4.41 7.64
C LEU A 208 -7.23 -5.37 7.40
N LEU A 209 -7.00 -5.71 6.14
CA LEU A 209 -5.91 -6.61 5.79
C LEU A 209 -4.58 -6.03 6.26
N ASN A 210 -4.48 -4.70 6.22
CA ASN A 210 -3.27 -4.04 6.65
C ASN A 210 -3.18 -4.08 8.16
N ILE A 211 -4.32 -3.90 8.83
CA ILE A 211 -4.37 -3.95 10.28
C ILE A 211 -4.01 -5.34 10.78
N GLU A 212 -4.50 -6.37 10.08
CA GLU A 212 -4.22 -7.74 10.47
C GLU A 212 -2.76 -8.08 10.26
N LEU A 213 -2.12 -7.47 9.27
CA LEU A 213 -0.71 -7.74 9.04
C LEU A 213 0.10 -7.14 10.19
N PHE A 214 -0.26 -5.92 10.59
CA PHE A 214 0.45 -5.25 11.69
C PHE A 214 0.30 -5.98 13.01
N GLU A 215 -0.91 -6.40 13.35
CA GLU A 215 -1.12 -7.11 14.61
C GLU A 215 -0.33 -8.40 14.59
N GLU A 216 -0.24 -9.03 13.43
CA GLU A 216 0.52 -10.27 13.31
C GLU A 216 2.01 -10.02 13.50
N LEU A 217 2.54 -9.01 12.84
CA LEU A 217 3.96 -8.71 12.95
C LEU A 217 4.30 -8.29 14.37
N GLN A 218 3.44 -7.48 14.98
CA GLN A 218 3.66 -7.02 16.35
C GLN A 218 3.79 -8.23 17.26
N ALA A 219 2.93 -9.21 17.07
CA ALA A 219 2.95 -10.43 17.88
C ALA A 219 4.22 -11.21 17.63
N LEU A 220 4.62 -11.33 16.36
CA LEU A 220 5.84 -12.06 16.04
C LEU A 220 7.03 -11.47 16.77
N LEU A 221 7.07 -10.15 16.85
CA LEU A 221 8.17 -9.44 17.50
C LEU A 221 8.17 -9.56 19.03
N THR A 222 7.01 -9.83 19.60
CA THR A 222 6.90 -9.93 21.05
C THR A 222 6.69 -11.36 21.51
FE FE B . -2.81 7.43 5.85
CHA BLA C . -4.21 9.83 3.88
NA BLA C . -2.95 9.66 5.96
C1A BLA C . -3.61 10.41 5.02
C2A BLA C . -3.35 11.85 5.26
C3A BLA C . -2.25 11.86 6.10
C4A BLA C . -2.07 10.48 6.60
CMA BLA C . -1.23 12.99 6.29
CAA BLA C . -4.31 13.03 4.97
CHB BLA C . -1.10 9.98 7.51
NB BLA C . -0.70 7.83 6.48
C1B BLA C . -0.51 8.70 7.53
C2B BLA C . 0.46 8.13 8.54
C3B BLA C . 0.69 6.81 8.10
C4B BLA C . 0.18 6.80 6.71
CMB BLA C . 1.32 8.92 9.53
OB BLA C . 0.22 5.82 5.95
NC BLA C . -2.74 5.29 5.94
C1C BLA C . -2.61 4.49 7.06
C2C BLA C . -2.46 3.10 6.68
C3C BLA C . -2.88 3.04 5.37
C4C BLA C . -3.13 4.47 4.93
CMC BLA C . -2.11 1.95 7.70
OC BLA C . -2.22 4.92 8.17
CAC BLA C . -2.88 1.83 4.65
CBC BLA C . -3.91 0.85 4.54
CHD BLA C . -3.88 4.93 3.85
ND BLA C . -3.70 7.38 4.05
C1D BLA C . -4.28 6.23 3.54
C2D BLA C . -5.14 6.60 2.43
C3D BLA C . -5.20 7.97 2.42
C4D BLA C . -4.45 8.44 3.57
CMD BLA C . -5.72 5.65 1.36
CAD BLA C . -6.19 8.81 1.63
CBD BLA C . -7.60 9.18 2.11
CGD BLA C . -8.19 10.10 1.09
O1D BLA C . -7.68 11.22 0.88
O2D BLA C . -8.97 9.62 0.09
#